data_4X22
#
_entry.id   4X22
#
_cell.length_a   103.020
_cell.length_b   103.020
_cell.length_c   66.130
_cell.angle_alpha   90.00
_cell.angle_beta   90.00
_cell.angle_gamma   120.00
#
_symmetry.space_group_name_H-M   'P 31 2 1'
#
loop_
_entity.id
_entity.type
_entity.pdbx_description
1 polymer 'Triosephosphate isomerase'
2 non-polymer 1,2-ETHANEDIOL
3 non-polymer 2-(2-METHOXYETHOXY)ETHANOL
4 water water
#
_entity_poly.entity_id   1
_entity_poly.type   'polypeptide(L)'
_entity_poly.pdbx_seq_one_letter_code
;MRKTIIAGNWKMNLSLKEAVFLAHSIREKIPSISKDKVSMVFPSTLHLENVSKILEGSSVIVGAQNCYHSGLAAFTGETS
PDQLKEIGVKVVMVGHSERRQFLGESNFFCNDKIRFLLKNEFTVLYCVGETLSERESGKTLEVLSSQIREGLKGIDSVFF
SNLILAYEPVWAIGTGKVATPSQAQEVHSFIRKEISGLFVGASSISESISILYGGSVKPDNIQDLLKEKDIDGGLVGGAS
QKISSFAGLF
;
_entity_poly.pdbx_strand_id   A
#
# COMPACT_ATOMS: atom_id res chain seq x y z
N ARG A 2 8.29 13.82 -5.74
CA ARG A 2 7.44 12.57 -5.70
C ARG A 2 8.22 11.24 -5.91
N LYS A 3 8.22 10.41 -4.89
CA LYS A 3 8.91 9.12 -4.94
C LYS A 3 8.19 8.09 -5.89
N THR A 4 8.97 7.29 -6.65
CA THR A 4 8.40 6.10 -7.32
C THR A 4 8.60 4.91 -6.40
N ILE A 5 7.54 4.17 -6.08
CA ILE A 5 7.67 3.10 -5.07
C ILE A 5 7.17 1.79 -5.68
N ILE A 6 7.93 0.73 -5.50
CA ILE A 6 7.51 -0.59 -5.93
C ILE A 6 7.44 -1.42 -4.64
N ALA A 7 6.22 -1.76 -4.23
CA ALA A 7 5.90 -2.43 -2.95
C ALA A 7 5.33 -3.79 -3.23
N GLY A 8 5.92 -4.82 -2.65
CA GLY A 8 5.49 -6.18 -2.83
C GLY A 8 4.64 -6.61 -1.64
N ASN A 9 3.46 -7.08 -1.93
CA ASN A 9 2.53 -7.57 -0.92
C ASN A 9 2.55 -9.10 -0.94
N TRP A 10 3.15 -9.72 0.09
CA TRP A 10 3.26 -11.17 0.14
C TRP A 10 2.00 -11.88 0.61
N LYS A 11 1.02 -11.09 0.98
CA LYS A 11 -0.29 -11.54 1.45
C LYS A 11 -0.11 -12.68 2.45
N MET A 12 -0.92 -13.71 2.33
CA MET A 12 -0.84 -14.88 3.21
C MET A 12 -0.39 -16.07 2.32
N ASN A 13 0.34 -15.76 1.25
CA ASN A 13 0.68 -16.70 0.19
C ASN A 13 1.94 -17.53 0.44
N LEU A 14 2.85 -17.10 1.34
CA LEU A 14 4.17 -17.73 1.50
C LEU A 14 4.39 -18.49 2.81
N SER A 15 5.12 -19.59 2.71
CA SER A 15 5.63 -20.30 3.86
C SER A 15 6.78 -19.49 4.42
N LEU A 16 7.19 -19.80 5.65
CA LEU A 16 8.30 -19.11 6.24
C LEU A 16 9.61 -19.40 5.40
N LYS A 17 9.78 -20.65 5.02
CA LYS A 17 10.88 -21.06 4.09
C LYS A 17 10.94 -20.22 2.83
N GLU A 18 9.78 -20.00 2.21
CA GLU A 18 9.71 -19.21 1.04
C GLU A 18 9.98 -17.75 1.34
N ALA A 19 9.42 -17.24 2.44
CA ALA A 19 9.66 -15.83 2.81
C ALA A 19 11.14 -15.53 3.04
N VAL A 20 11.83 -16.43 3.73
CA VAL A 20 13.25 -16.23 4.05
C VAL A 20 14.14 -16.29 2.72
N PHE A 21 13.85 -17.24 1.84
CA PHE A 21 14.53 -17.35 0.56
C PHE A 21 14.31 -16.11 -0.30
N LEU A 22 13.05 -15.68 -0.39
CA LEU A 22 12.74 -14.43 -1.02
C LEU A 22 13.44 -13.23 -0.40
N ALA A 23 13.44 -13.13 0.92
CA ALA A 23 14.12 -12.03 1.55
C ALA A 23 15.64 -11.94 1.15
N HIS A 24 16.33 -13.05 1.26
CA HIS A 24 17.80 -13.11 0.94
C HIS A 24 18.03 -12.78 -0.49
N SER A 25 17.17 -13.32 -1.38
CA SER A 25 17.24 -13.05 -2.82
C SER A 25 17.06 -11.59 -3.13
N ILE A 26 16.07 -11.01 -2.48
CA ILE A 26 15.84 -9.59 -2.61
C ILE A 26 17.01 -8.75 -2.14
N ARG A 27 17.54 -9.07 -0.96
CA ARG A 27 18.62 -8.28 -0.38
C ARG A 27 19.87 -8.30 -1.31
N GLU A 28 20.08 -9.43 -1.99
CA GLU A 28 21.29 -9.60 -2.79
C GLU A 28 21.16 -8.84 -4.11
N LYS A 29 19.94 -8.76 -4.66
CA LYS A 29 19.74 -8.21 -5.99
C LYS A 29 19.14 -6.81 -6.05
N ILE A 30 18.12 -6.49 -5.21
CA ILE A 30 17.29 -5.27 -5.46
C ILE A 30 18.05 -3.98 -5.17
N PRO A 31 18.80 -3.92 -4.07
CA PRO A 31 19.53 -2.68 -3.85
C PRO A 31 20.42 -2.23 -4.99
N SER A 32 20.92 -3.16 -5.79
CA SER A 32 21.79 -2.80 -6.92
C SER A 32 21.01 -2.35 -8.13
N ILE A 33 19.69 -2.60 -8.18
CA ILE A 33 18.94 -2.19 -9.33
C ILE A 33 17.79 -1.27 -9.01
N SER A 34 17.55 -0.95 -7.77
CA SER A 34 16.41 -0.12 -7.47
C SER A 34 16.61 1.31 -7.90
N LYS A 35 17.83 1.79 -7.75
CA LYS A 35 18.20 3.08 -8.26
C LYS A 35 17.39 4.18 -7.65
N ASP A 36 16.60 4.86 -8.46
CA ASP A 36 15.79 5.95 -7.93
C ASP A 36 14.48 5.51 -7.23
N LYS A 37 13.98 4.34 -7.58
CA LYS A 37 12.79 3.75 -7.02
C LYS A 37 12.96 3.26 -5.58
N VAL A 38 11.94 3.44 -4.76
CA VAL A 38 11.91 2.92 -3.39
C VAL A 38 11.41 1.48 -3.48
N SER A 39 12.11 0.54 -2.87
CA SER A 39 11.68 -0.85 -2.77
C SER A 39 11.05 -1.10 -1.39
N MET A 40 9.95 -1.82 -1.40
CA MET A 40 9.27 -2.15 -0.16
C MET A 40 8.72 -3.56 -0.20
N VAL A 41 8.71 -4.28 0.93
CA VAL A 41 8.08 -5.56 1.00
C VAL A 41 7.19 -5.67 2.25
N PHE A 42 6.11 -6.43 2.12
CA PHE A 42 5.15 -6.68 3.20
C PHE A 42 4.99 -8.14 3.43
N PRO A 43 5.82 -8.73 4.26
CA PRO A 43 5.65 -10.09 4.69
C PRO A 43 4.49 -10.34 5.66
N SER A 44 4.07 -11.59 5.75
CA SER A 44 3.09 -12.01 6.79
C SER A 44 3.71 -11.65 8.15
N THR A 45 2.87 -11.28 9.06
CA THR A 45 3.29 -10.92 10.43
C THR A 45 4.06 -11.98 11.15
N LEU A 46 3.72 -13.23 10.93
CA LEU A 46 4.43 -14.36 11.52
C LEU A 46 5.95 -14.39 11.09
N HIS A 47 6.18 -13.88 9.90
CA HIS A 47 7.50 -13.83 9.32
C HIS A 47 8.29 -12.52 9.42
N LEU A 48 7.68 -11.48 10.02
CA LEU A 48 8.24 -10.17 9.96
C LEU A 48 9.55 -10.04 10.69
N GLU A 49 9.66 -10.68 11.84
CA GLU A 49 10.86 -10.58 12.63
C GLU A 49 12.06 -11.12 11.87
N ASN A 50 11.83 -12.25 11.28
CA ASN A 50 12.79 -12.94 10.52
C ASN A 50 13.30 -12.16 9.30
N VAL A 51 12.35 -11.75 8.49
CA VAL A 51 12.56 -11.00 7.28
C VAL A 51 13.21 -9.67 7.60
N SER A 52 12.71 -8.99 8.61
CA SER A 52 13.28 -7.79 9.10
C SER A 52 14.79 -7.89 9.49
N LYS A 53 15.18 -8.96 10.17
CA LYS A 53 16.57 -9.23 10.47
C LYS A 53 17.41 -9.40 9.20
N ILE A 54 16.89 -10.13 8.24
CA ILE A 54 17.55 -10.32 6.93
C ILE A 54 17.79 -9.01 6.22
N LEU A 55 16.78 -8.14 6.18
CA LEU A 55 16.88 -6.94 5.36
C LEU A 55 17.51 -5.77 6.05
N GLU A 56 17.76 -5.91 7.35
CA GLU A 56 18.45 -4.91 8.14
C GLU A 56 19.77 -4.49 7.48
N GLY A 57 20.01 -3.21 7.45
CA GLY A 57 21.15 -2.69 6.74
C GLY A 57 21.01 -2.49 5.24
N SER A 58 19.90 -2.89 4.62
CA SER A 58 19.76 -2.73 3.18
C SER A 58 18.85 -1.59 2.91
N SER A 59 18.71 -1.23 1.64
CA SER A 59 17.72 -0.18 1.30
C SER A 59 16.27 -0.73 1.14
N VAL A 60 16.03 -2.00 1.38
CA VAL A 60 14.70 -2.56 1.18
C VAL A 60 13.89 -2.35 2.47
N ILE A 61 12.82 -1.59 2.34
CA ILE A 61 11.93 -1.26 3.45
C ILE A 61 10.91 -2.39 3.68
N VAL A 62 10.70 -2.69 4.96
CA VAL A 62 9.76 -3.73 5.41
C VAL A 62 8.50 -3.06 6.03
N GLY A 63 7.35 -3.56 5.70
CA GLY A 63 6.09 -3.06 6.23
C GLY A 63 5.26 -4.21 6.72
N ALA A 64 4.35 -3.91 7.65
CA ALA A 64 3.31 -4.85 8.10
C ALA A 64 2.01 -4.72 7.29
N GLN A 65 1.37 -5.85 7.03
CA GLN A 65 0.12 -5.91 6.32
C GLN A 65 -1.11 -5.38 7.09
N ASN A 66 -0.97 -5.19 8.40
CA ASN A 66 -2.09 -4.70 9.20
C ASN A 66 -1.57 -4.44 10.64
N CYS A 67 -2.28 -3.66 11.45
CA CYS A 67 -2.01 -3.55 12.87
C CYS A 67 -3.29 -2.99 13.53
N TYR A 68 -3.28 -2.87 14.86
CA TYR A 68 -4.39 -2.30 15.61
C TYR A 68 -3.95 -0.94 16.11
N HIS A 69 -4.91 -0.06 16.43
CA HIS A 69 -4.59 1.32 16.80
C HIS A 69 -4.36 1.44 18.31
N SER A 70 -3.33 0.77 18.83
CA SER A 70 -3.00 0.87 20.24
C SER A 70 -1.56 0.47 20.49
N GLY A 71 -0.95 1.07 21.51
CA GLY A 71 0.27 0.53 22.10
C GLY A 71 -0.06 -0.76 22.84
N LEU A 72 0.92 -1.31 23.51
CA LEU A 72 0.80 -2.65 24.11
C LEU A 72 -0.38 -2.59 25.05
N ALA A 73 -1.29 -3.56 24.95
CA ALA A 73 -2.53 -3.54 25.68
C ALA A 73 -3.24 -4.87 25.41
N ALA A 74 -4.40 -4.95 26.01
CA ALA A 74 -5.26 -6.15 26.04
C ALA A 74 -6.12 -6.32 24.76
N PHE A 75 -5.48 -6.66 23.61
CA PHE A 75 -6.24 -6.87 22.35
C PHE A 75 -5.82 -8.18 21.70
N THR A 76 -6.45 -9.27 22.15
CA THR A 76 -6.07 -10.61 21.74
C THR A 76 -6.12 -10.72 20.25
N GLY A 77 -5.04 -11.25 19.67
CA GLY A 77 -4.96 -11.44 18.23
C GLY A 77 -4.40 -10.32 17.39
N GLU A 78 -4.19 -9.16 18.02
CA GLU A 78 -3.81 -7.94 17.28
C GLU A 78 -2.31 -7.72 17.46
N THR A 79 -1.75 -6.99 16.53
CA THR A 79 -0.36 -6.57 16.57
C THR A 79 -0.28 -5.03 16.83
N SER A 80 0.60 -4.62 17.72
CA SER A 80 0.74 -3.23 18.08
C SER A 80 1.86 -2.55 17.28
N PRO A 81 1.66 -1.26 16.92
CA PRO A 81 2.81 -0.54 16.39
C PRO A 81 4.03 -0.49 17.34
N ASP A 82 3.81 -0.59 18.67
CA ASP A 82 4.94 -0.75 19.61
C ASP A 82 5.75 -2.00 19.32
N GLN A 83 5.08 -3.11 19.02
CA GLN A 83 5.80 -4.34 18.66
C GLN A 83 6.55 -4.24 17.33
N LEU A 84 5.93 -3.59 16.34
CA LEU A 84 6.57 -3.41 15.03
C LEU A 84 7.82 -2.50 15.11
N LYS A 85 7.67 -1.38 15.77
CA LYS A 85 8.80 -0.43 15.97
C LYS A 85 10.02 -1.12 16.58
N GLU A 86 9.79 -2.00 17.53
CA GLU A 86 10.86 -2.70 18.23
C GLU A 86 11.68 -3.54 17.29
N ILE A 87 11.13 -4.10 16.20
CA ILE A 87 11.90 -4.86 15.26
C ILE A 87 12.22 -4.07 14.01
N GLY A 88 12.03 -2.74 14.04
CA GLY A 88 12.41 -1.86 12.94
C GLY A 88 11.40 -1.82 11.78
N VAL A 89 10.14 -2.18 12.03
CA VAL A 89 9.15 -2.08 10.99
C VAL A 89 8.39 -0.78 11.24
N LYS A 90 8.42 0.13 10.28
CA LYS A 90 7.82 1.44 10.47
C LYS A 90 6.85 1.82 9.41
N VAL A 91 6.41 0.85 8.63
CA VAL A 91 5.43 1.03 7.56
C VAL A 91 4.32 0.05 7.81
N VAL A 92 3.07 0.52 7.76
CA VAL A 92 1.93 -0.34 7.89
C VAL A 92 0.90 -0.10 6.82
N MET A 93 0.39 -1.19 6.22
CA MET A 93 -0.69 -1.13 5.25
C MET A 93 -2.04 -1.08 5.94
N VAL A 94 -2.92 -0.22 5.42
CA VAL A 94 -4.29 -0.06 5.96
C VAL A 94 -5.25 -0.13 4.78
N GLY A 95 -6.39 -0.76 5.02
CA GLY A 95 -7.49 -0.77 4.09
C GLY A 95 -7.38 -1.63 2.83
N HIS A 96 -6.46 -2.58 2.79
CA HIS A 96 -6.39 -3.52 1.65
C HIS A 96 -7.76 -4.09 1.37
N SER A 97 -8.08 -4.25 0.10
CA SER A 97 -9.40 -4.75 -0.34
C SER A 97 -9.75 -6.06 0.29
N GLU A 98 -8.75 -6.92 0.50
CA GLU A 98 -9.03 -8.23 1.16
C GLU A 98 -9.47 -8.04 2.57
N ARG A 99 -8.95 -6.99 3.24
CA ARG A 99 -9.38 -6.67 4.61
C ARG A 99 -10.77 -6.00 4.66
N ARG A 100 -11.03 -5.11 3.72
CA ARG A 100 -12.36 -4.50 3.65
C ARG A 100 -13.41 -5.60 3.34
N GLN A 101 -13.11 -6.46 2.39
CA GLN A 101 -14.07 -7.50 1.97
C GLN A 101 -14.19 -8.72 2.92
N PHE A 102 -13.07 -9.31 3.33
CA PHE A 102 -13.11 -10.54 4.13
C PHE A 102 -13.04 -10.35 5.65
N LEU A 103 -12.58 -9.19 6.12
CA LEU A 103 -12.45 -8.90 7.53
C LEU A 103 -13.37 -7.68 7.94
N GLY A 104 -14.21 -7.24 7.02
CA GLY A 104 -15.22 -6.27 7.28
C GLY A 104 -14.64 -4.92 7.76
N GLU A 105 -13.43 -4.55 7.37
CA GLU A 105 -12.87 -3.27 7.82
C GLU A 105 -13.54 -2.10 7.11
N SER A 106 -14.13 -1.19 7.89
CA SER A 106 -14.84 0.03 7.41
C SER A 106 -13.87 1.21 7.24
N ASN A 107 -14.34 2.28 6.57
CA ASN A 107 -13.54 3.48 6.47
C ASN A 107 -13.16 4.03 7.82
N PHE A 108 -14.08 3.90 8.77
CA PHE A 108 -13.88 4.44 10.10
C PHE A 108 -12.82 3.69 10.91
N PHE A 109 -12.81 2.38 10.77
CA PHE A 109 -11.77 1.56 11.45
C PHE A 109 -10.42 1.86 10.78
N CYS A 110 -10.39 1.98 9.45
CA CYS A 110 -9.18 2.48 8.75
C CYS A 110 -8.73 3.82 9.29
N ASN A 111 -9.66 4.73 9.45
CA ASN A 111 -9.34 6.07 9.95
C ASN A 111 -8.70 5.97 11.35
N ASP A 112 -9.22 5.16 12.23
CA ASP A 112 -8.59 5.07 13.58
C ASP A 112 -7.17 4.50 13.54
N LYS A 113 -6.96 3.53 12.67
CA LYS A 113 -5.59 3.00 12.45
C LYS A 113 -4.69 4.09 11.92
N ILE A 114 -5.15 4.75 10.85
CA ILE A 114 -4.34 5.79 10.20
C ILE A 114 -4.00 6.94 11.19
N ARG A 115 -4.96 7.38 11.99
CA ARG A 115 -4.70 8.49 12.98
C ARG A 115 -3.60 8.05 13.95
N PHE A 116 -3.76 6.83 14.51
CA PHE A 116 -2.79 6.29 15.45
C PHE A 116 -1.40 6.16 14.87
N LEU A 117 -1.32 5.58 13.67
CA LEU A 117 -0.02 5.34 13.02
C LEU A 117 0.70 6.67 12.69
N LEU A 118 0.00 7.57 12.02
CA LEU A 118 0.61 8.85 11.62
C LEU A 118 1.04 9.71 12.82
N LYS A 119 0.28 9.68 13.94
CA LYS A 119 0.58 10.43 15.19
C LYS A 119 1.84 9.92 15.77
N ASN A 120 2.12 8.65 15.56
CA ASN A 120 3.26 7.98 16.18
C ASN A 120 4.44 7.67 15.25
N GLU A 121 4.58 8.43 14.20
CA GLU A 121 5.76 8.46 13.35
C GLU A 121 5.88 7.25 12.43
N PHE A 122 4.77 6.59 12.10
CA PHE A 122 4.78 5.53 11.14
C PHE A 122 4.42 6.10 9.78
N THR A 123 4.89 5.41 8.77
CA THR A 123 4.38 5.58 7.43
C THR A 123 3.19 4.64 7.22
N VAL A 124 2.16 5.17 6.58
CA VAL A 124 0.93 4.45 6.28
C VAL A 124 0.81 4.29 4.77
N LEU A 125 0.53 3.07 4.33
CA LEU A 125 0.15 2.76 2.96
C LEU A 125 -1.34 2.44 2.92
N TYR A 126 -2.14 3.46 2.58
CA TYR A 126 -3.61 3.42 2.62
C TYR A 126 -4.18 3.06 1.28
N CYS A 127 -4.85 1.92 1.25
CA CYS A 127 -5.53 1.35 0.08
C CYS A 127 -7.00 1.75 -0.04
N VAL A 128 -7.39 2.16 -1.28
CA VAL A 128 -8.76 2.51 -1.66
C VAL A 128 -9.08 1.75 -2.94
N GLY A 129 -10.36 1.64 -3.26
CA GLY A 129 -10.80 0.97 -4.49
C GLY A 129 -12.25 0.54 -4.42
N GLU A 130 -12.89 0.47 -5.59
CA GLU A 130 -14.31 0.09 -5.71
C GLU A 130 -14.50 -1.28 -6.39
N THR A 131 -15.51 -2.00 -5.94
CA THR A 131 -15.93 -3.30 -6.50
C THR A 131 -16.62 -3.14 -7.89
N LEU A 132 -16.77 -4.26 -8.60
CA LEU A 132 -17.49 -4.32 -9.88
C LEU A 132 -18.91 -3.84 -9.69
N SER A 133 -19.56 -4.22 -8.59
CA SER A 133 -20.94 -3.81 -8.37
CA SER A 133 -20.96 -3.79 -8.37
C SER A 133 -21.04 -2.30 -8.12
N GLU A 134 -20.07 -1.76 -7.37
CA GLU A 134 -20.01 -0.34 -7.17
C GLU A 134 -19.77 0.37 -8.52
N ARG A 135 -18.77 -0.05 -9.28
CA ARG A 135 -18.50 0.56 -10.55
C ARG A 135 -19.76 0.48 -11.52
N GLU A 136 -20.39 -0.71 -11.58
CA GLU A 136 -21.53 -0.93 -12.47
C GLU A 136 -22.72 -0.07 -12.11
N SER A 137 -22.84 0.30 -10.84
CA SER A 137 -23.87 1.15 -10.31
C SER A 137 -23.53 2.61 -10.36
N GLY A 138 -22.40 2.97 -10.93
CA GLY A 138 -21.98 4.35 -11.01
C GLY A 138 -21.48 4.94 -9.70
N LYS A 139 -20.99 4.08 -8.79
CA LYS A 139 -20.55 4.59 -7.50
C LYS A 139 -19.02 4.79 -7.37
N THR A 140 -18.28 4.66 -8.46
CA THR A 140 -16.83 4.85 -8.38
C THR A 140 -16.47 6.14 -7.59
N LEU A 141 -16.98 7.27 -8.06
CA LEU A 141 -16.69 8.55 -7.38
C LEU A 141 -17.13 8.59 -5.93
N GLU A 142 -18.34 8.16 -5.65
CA GLU A 142 -18.87 8.21 -4.33
C GLU A 142 -18.05 7.31 -3.35
N VAL A 143 -17.73 6.11 -3.80
CA VAL A 143 -16.95 5.18 -2.97
C VAL A 143 -15.53 5.70 -2.73
N LEU A 144 -14.79 6.07 -3.77
CA LEU A 144 -13.43 6.58 -3.59
C LEU A 144 -13.42 7.83 -2.75
N SER A 145 -14.36 8.74 -3.03
CA SER A 145 -14.42 9.99 -2.31
C SER A 145 -14.70 9.72 -0.82
N SER A 146 -15.63 8.82 -0.50
CA SER A 146 -15.85 8.40 0.87
C SER A 146 -14.62 7.72 1.53
N GLN A 147 -13.95 6.86 0.78
CA GLN A 147 -12.78 6.13 1.36
C GLN A 147 -11.68 7.12 1.76
N ILE A 148 -11.52 8.17 0.95
CA ILE A 148 -10.53 9.17 1.22
C ILE A 148 -10.96 10.11 2.33
N ARG A 149 -12.19 10.64 2.22
CA ARG A 149 -12.66 11.60 3.20
C ARG A 149 -12.83 11.00 4.57
N GLU A 150 -13.52 9.85 4.66
CA GLU A 150 -13.73 9.22 5.96
C GLU A 150 -12.39 8.57 6.46
N GLY A 151 -11.62 7.96 5.55
CA GLY A 151 -10.31 7.35 5.91
C GLY A 151 -9.31 8.32 6.52
N LEU A 152 -9.33 9.56 6.00
CA LEU A 152 -8.36 10.55 6.37
C LEU A 152 -8.91 11.68 7.23
N LYS A 153 -10.14 11.49 7.71
CA LYS A 153 -10.77 12.48 8.58
C LYS A 153 -9.95 12.78 9.83
N GLY A 154 -9.73 14.06 10.06
CA GLY A 154 -9.09 14.48 11.29
C GLY A 154 -7.58 14.24 11.31
N ILE A 155 -6.97 13.85 10.22
CA ILE A 155 -5.53 13.59 10.22
C ILE A 155 -4.83 14.99 10.07
N ASP A 156 -4.00 15.39 11.04
CA ASP A 156 -3.19 16.62 10.91
C ASP A 156 -2.37 16.60 9.59
N SER A 157 -2.61 17.62 8.75
CA SER A 157 -1.91 17.81 7.51
C SER A 157 -0.38 17.66 7.61
N VAL A 158 0.20 17.96 8.77
CA VAL A 158 1.66 17.86 8.92
C VAL A 158 2.15 16.41 8.86
N PHE A 159 1.22 15.46 8.92
CA PHE A 159 1.59 14.02 8.88
C PHE A 159 1.46 13.41 7.49
N PHE A 160 0.94 14.15 6.51
CA PHE A 160 0.72 13.59 5.19
C PHE A 160 1.94 13.27 4.44
N SER A 161 3.05 13.83 4.84
CA SER A 161 4.33 13.46 4.28
C SER A 161 4.59 11.99 4.55
N ASN A 162 3.95 11.37 5.54
CA ASN A 162 4.15 9.95 5.77
C ASN A 162 3.00 9.07 5.30
N LEU A 163 2.20 9.56 4.39
CA LEU A 163 1.09 8.85 3.85
C LEU A 163 1.39 8.52 2.40
N ILE A 164 1.20 7.23 2.03
CA ILE A 164 1.26 6.76 0.67
C ILE A 164 -0.10 6.19 0.35
N LEU A 165 -0.61 6.37 -0.89
CA LEU A 165 -1.88 5.79 -1.31
C LEU A 165 -1.71 4.71 -2.33
N ALA A 166 -2.64 3.77 -2.38
CA ALA A 166 -2.76 2.81 -3.46
C ALA A 166 -4.18 2.68 -3.89
N TYR A 167 -4.33 2.57 -5.20
CA TYR A 167 -5.64 2.33 -5.80
C TYR A 167 -5.73 0.91 -6.28
N GLU A 168 -6.69 0.19 -5.72
CA GLU A 168 -6.97 -1.18 -6.14
C GLU A 168 -8.22 -1.21 -7.02
N PRO A 169 -8.10 -1.59 -8.32
CA PRO A 169 -9.30 -1.65 -9.19
C PRO A 169 -9.99 -2.97 -8.95
N VAL A 170 -10.67 -3.05 -7.81
CA VAL A 170 -11.24 -4.32 -7.37
C VAL A 170 -12.21 -4.87 -8.42
N TRP A 171 -12.90 -3.96 -9.09
CA TRP A 171 -13.80 -4.27 -10.19
C TRP A 171 -13.15 -5.10 -11.29
N ALA A 172 -11.83 -4.98 -11.48
CA ALA A 172 -11.15 -5.71 -12.54
C ALA A 172 -10.40 -6.92 -11.97
N ILE A 173 -10.51 -7.09 -10.67
CA ILE A 173 -9.63 -8.01 -10.01
C ILE A 173 -10.30 -9.35 -9.96
N GLY A 174 -9.88 -10.18 -10.89
CA GLY A 174 -10.47 -11.46 -11.18
C GLY A 174 -11.97 -11.42 -11.38
N THR A 175 -12.47 -10.46 -12.12
CA THR A 175 -13.92 -10.32 -12.29
C THR A 175 -14.62 -10.59 -13.64
N GLY A 176 -13.93 -11.03 -14.68
CA GLY A 176 -12.61 -10.68 -15.04
C GLY A 176 -12.75 -9.59 -16.09
N LYS A 177 -13.22 -8.43 -15.65
CA LYS A 177 -12.87 -7.16 -16.28
C LYS A 177 -11.34 -6.99 -16.13
N VAL A 178 -10.73 -6.22 -17.05
CA VAL A 178 -9.28 -5.94 -17.06
C VAL A 178 -9.00 -4.39 -17.22
N ALA A 179 -8.14 -3.81 -16.36
CA ALA A 179 -8.01 -2.34 -16.32
C ALA A 179 -6.87 -1.78 -17.13
N THR A 180 -7.14 -0.78 -17.97
CA THR A 180 -6.11 -0.23 -18.80
C THR A 180 -5.36 0.83 -18.04
N PRO A 181 -4.16 1.19 -18.52
CA PRO A 181 -3.42 2.26 -17.87
C PRO A 181 -4.17 3.59 -17.89
N SER A 182 -4.98 3.85 -18.92
CA SER A 182 -5.77 5.09 -18.92
C SER A 182 -6.90 5.08 -17.94
N GLN A 183 -7.50 3.93 -17.72
CA GLN A 183 -8.52 3.80 -16.73
C GLN A 183 -7.95 3.99 -15.29
N ALA A 184 -6.77 3.45 -15.10
CA ALA A 184 -6.06 3.64 -13.79
C ALA A 184 -5.74 5.10 -13.63
N GLN A 185 -5.14 5.69 -14.69
CA GLN A 185 -4.80 7.12 -14.64
C GLN A 185 -5.94 8.03 -14.22
N GLU A 186 -7.13 7.81 -14.78
CA GLU A 186 -8.23 8.73 -14.50
C GLU A 186 -8.66 8.60 -13.02
N VAL A 187 -8.49 7.41 -12.44
CA VAL A 187 -8.78 7.29 -10.99
C VAL A 187 -7.71 7.98 -10.17
N HIS A 188 -6.43 7.78 -10.52
CA HIS A 188 -5.32 8.38 -9.75
C HIS A 188 -5.41 9.90 -9.74
N SER A 189 -5.82 10.48 -10.89
CA SER A 189 -6.01 11.91 -11.00
C SER A 189 -7.14 12.38 -10.12
N PHE A 190 -8.28 11.66 -10.12
CA PHE A 190 -9.33 11.96 -9.19
C PHE A 190 -8.86 11.89 -7.76
N ILE A 191 -8.20 10.78 -7.40
CA ILE A 191 -7.79 10.62 -6.00
C ILE A 191 -6.89 11.81 -5.56
N ARG A 192 -5.98 12.19 -6.45
CA ARG A 192 -5.07 13.30 -6.21
C ARG A 192 -5.87 14.60 -6.04
N LYS A 193 -6.90 14.78 -6.87
CA LYS A 193 -7.77 15.95 -6.71
C LYS A 193 -8.52 15.92 -5.38
N GLU A 194 -9.00 14.73 -4.95
CA GLU A 194 -9.65 14.71 -3.62
C GLU A 194 -8.66 15.09 -2.49
N ILE A 195 -7.44 14.58 -2.55
CA ILE A 195 -6.43 15.03 -1.55
C ILE A 195 -6.23 16.54 -1.61
N SER A 196 -6.17 17.13 -2.81
CA SER A 196 -5.96 18.57 -2.88
C SER A 196 -7.13 19.31 -2.22
N GLY A 197 -8.30 18.70 -2.04
CA GLY A 197 -9.42 19.40 -1.37
C GLY A 197 -9.56 19.03 0.11
N LEU A 198 -8.63 18.29 0.71
CA LEU A 198 -8.93 17.71 2.00
C LEU A 198 -8.82 18.68 3.18
N PHE A 199 -7.89 19.63 3.07
CA PHE A 199 -7.67 20.54 4.13
C PHE A 199 -7.10 21.82 3.49
N VAL A 200 -7.09 22.89 4.26
CA VAL A 200 -6.68 24.19 3.71
C VAL A 200 -5.18 24.10 3.45
N GLY A 201 -4.80 24.40 2.25
CA GLY A 201 -3.40 24.42 1.90
C GLY A 201 -2.86 23.08 1.44
N ALA A 202 -3.73 22.21 0.92
CA ALA A 202 -3.37 20.82 0.56
C ALA A 202 -2.76 20.77 -0.80
N SER A 203 -2.69 21.90 -1.55
CA SER A 203 -2.22 21.90 -2.94
C SER A 203 -0.84 21.22 -3.09
N SER A 204 0.15 21.61 -2.28
CA SER A 204 1.50 21.05 -2.42
C SER A 204 1.55 19.54 -2.04
N ILE A 205 0.88 19.16 -0.96
CA ILE A 205 0.86 17.77 -0.52
C ILE A 205 0.19 16.89 -1.59
N SER A 206 -0.90 17.32 -2.17
CA SER A 206 -1.55 16.55 -3.19
C SER A 206 -0.59 16.31 -4.37
N GLU A 207 0.31 17.25 -4.67
CA GLU A 207 1.26 17.02 -5.77
C GLU A 207 2.45 16.17 -5.39
N SER A 208 2.82 16.11 -4.12
CA SER A 208 3.95 15.28 -3.76
C SER A 208 3.58 13.87 -3.29
N ILE A 209 2.31 13.60 -2.99
CA ILE A 209 1.94 12.30 -2.37
C ILE A 209 2.08 11.18 -3.40
N SER A 210 2.69 10.05 -3.04
CA SER A 210 2.74 8.89 -3.95
C SER A 210 1.42 8.14 -3.97
N ILE A 211 0.90 7.91 -5.17
CA ILE A 211 -0.28 7.11 -5.43
C ILE A 211 0.09 5.91 -6.29
N LEU A 212 0.09 4.73 -5.70
CA LEU A 212 0.54 3.53 -6.35
C LEU A 212 -0.61 2.83 -6.96
N TYR A 213 -0.36 2.13 -8.07
CA TYR A 213 -1.42 1.32 -8.71
C TYR A 213 -1.38 -0.06 -8.11
N GLY A 214 -2.55 -0.56 -7.66
CA GLY A 214 -2.64 -1.87 -7.03
C GLY A 214 -3.47 -2.90 -7.76
N GLY A 215 -3.63 -2.78 -9.07
CA GLY A 215 -4.26 -3.84 -9.83
C GLY A 215 -3.16 -4.83 -10.19
N SER A 216 -3.31 -5.49 -11.33
CA SER A 216 -2.31 -6.53 -11.73
C SER A 216 -1.07 -5.87 -12.27
N VAL A 217 0.06 -6.05 -11.60
CA VAL A 217 1.29 -5.37 -11.98
C VAL A 217 2.36 -6.45 -12.18
N LYS A 218 3.05 -6.38 -13.32
CA LYS A 218 3.97 -7.42 -13.81
C LYS A 218 5.08 -6.73 -14.58
N PRO A 219 6.27 -7.36 -14.69
CA PRO A 219 7.29 -6.79 -15.56
C PRO A 219 6.79 -6.37 -16.95
N ASP A 220 5.89 -7.13 -17.59
CA ASP A 220 5.37 -6.73 -18.92
C ASP A 220 4.41 -5.54 -18.96
N ASN A 221 3.93 -4.99 -17.84
CA ASN A 221 3.07 -3.78 -17.94
C ASN A 221 3.51 -2.61 -17.07
N ILE A 222 4.57 -2.80 -16.28
CA ILE A 222 5.02 -1.76 -15.33
C ILE A 222 5.39 -0.42 -16.02
N GLN A 223 6.14 -0.46 -17.11
CA GLN A 223 6.57 0.80 -17.76
C GLN A 223 5.34 1.56 -18.30
N ASP A 224 4.35 0.83 -18.81
CA ASP A 224 3.16 1.50 -19.33
C ASP A 224 2.36 2.16 -18.18
N LEU A 225 2.35 1.53 -17.02
CA LEU A 225 1.67 2.14 -15.86
C LEU A 225 2.40 3.40 -15.36
N LEU A 226 3.72 3.28 -15.20
CA LEU A 226 4.52 4.40 -14.72
C LEU A 226 4.54 5.62 -15.60
N LYS A 227 4.29 5.42 -16.88
CA LYS A 227 4.18 6.58 -17.83
C LYS A 227 2.97 7.42 -17.55
N GLU A 228 1.95 6.89 -16.86
CA GLU A 228 0.79 7.72 -16.63
C GLU A 228 1.17 8.79 -15.62
N LYS A 229 0.62 9.98 -15.84
CA LYS A 229 1.02 11.18 -15.09
C LYS A 229 0.84 11.05 -13.55
N ASP A 230 -0.20 10.36 -13.10
CA ASP A 230 -0.49 10.33 -11.69
C ASP A 230 -0.29 8.96 -11.03
N ILE A 231 0.33 8.05 -11.77
CA ILE A 231 0.66 6.73 -11.24
C ILE A 231 2.10 6.73 -10.81
N ASP A 232 2.36 6.49 -9.51
CA ASP A 232 3.69 6.65 -8.92
C ASP A 232 4.37 5.34 -8.52
N GLY A 233 3.91 4.22 -9.01
CA GLY A 233 4.48 2.95 -8.60
C GLY A 233 3.43 1.90 -8.54
N GLY A 234 3.74 0.81 -7.85
CA GLY A 234 2.86 -0.33 -7.75
C GLY A 234 2.78 -0.92 -6.36
N LEU A 235 1.59 -1.43 -5.98
CA LEU A 235 1.48 -2.29 -4.84
C LEU A 235 1.18 -3.61 -5.50
N VAL A 236 2.13 -4.53 -5.45
CA VAL A 236 2.19 -5.66 -6.39
C VAL A 236 1.90 -6.95 -5.65
N GLY A 237 1.04 -7.78 -6.22
CA GLY A 237 0.71 -9.07 -5.56
C GLY A 237 1.64 -10.23 -5.96
N GLY A 238 1.09 -11.13 -6.78
CA GLY A 238 1.82 -12.31 -7.25
C GLY A 238 3.21 -12.09 -7.78
N ALA A 239 3.41 -11.10 -8.65
CA ALA A 239 4.73 -10.88 -9.23
C ALA A 239 5.77 -10.50 -8.20
N SER A 240 5.33 -10.03 -7.02
CA SER A 240 6.30 -9.65 -5.97
C SER A 240 6.87 -10.85 -5.21
N GLN A 241 6.25 -12.01 -5.39
CA GLN A 241 6.47 -13.15 -4.50
C GLN A 241 7.57 -14.12 -4.99
N LYS A 242 8.24 -13.77 -6.09
CA LYS A 242 9.41 -14.48 -6.63
C LYS A 242 10.39 -13.46 -7.04
N ILE A 243 11.68 -13.73 -6.84
CA ILE A 243 12.71 -12.73 -7.10
C ILE A 243 12.77 -12.33 -8.56
N SER A 244 12.61 -13.27 -9.48
CA SER A 244 12.82 -12.90 -10.89
C SER A 244 11.74 -11.90 -11.31
N SER A 245 10.47 -12.16 -11.00
CA SER A 245 9.40 -11.20 -11.38
C SER A 245 9.51 -9.85 -10.64
N PHE A 246 9.95 -9.90 -9.39
CA PHE A 246 10.03 -8.68 -8.56
C PHE A 246 11.14 -7.80 -9.06
N ALA A 247 12.28 -8.42 -9.34
CA ALA A 247 13.42 -7.70 -9.88
C ALA A 247 13.09 -7.16 -11.25
N GLY A 248 12.30 -7.87 -12.03
CA GLY A 248 11.84 -7.32 -13.34
C GLY A 248 11.04 -6.01 -13.30
N LEU A 249 10.59 -5.60 -12.12
CA LEU A 249 9.82 -4.37 -12.03
C LEU A 249 10.67 -3.13 -11.92
N PHE A 250 11.95 -3.27 -11.68
CA PHE A 250 12.75 -2.11 -11.35
C PHE A 250 13.62 -1.71 -12.55
#